data_4TNT
#
_entry.id   4TNT
#
_cell.length_a   74.090
_cell.length_b   115.136
_cell.length_c   81.393
_cell.angle_alpha   90.00
_cell.angle_beta   90.00
_cell.angle_gamma   90.00
#
_symmetry.space_group_name_H-M   'C 2 2 21'
#
loop_
_entity.id
_entity.type
_entity.pdbx_description
1 polymer 'Mineralocorticoid receptor'
2 polymer "DNA (5'-D(*CP*AP*GP*AP*AP*CP*AP*CP*TP*CP*TP*GP*TP*TP*CP*TP*G)-3')"
3 polymer "DNA (5'-D(*CP*AP*GP*AP*AP*CP*AP*GP*AP*GP*TP*GP*TP*TP*CP*TP*G)-3')"
4 non-polymer 'ZINC ION'
5 water water
#
loop_
_entity_poly.entity_id
_entity_poly.type
_entity_poly.pdbx_seq_one_letter_code
_entity_poly.pdbx_strand_id
1 'polypeptide(L)'
;MHHHHHHSSGVDLGTENLYFQSNASTGSSRPSKICLVCGDEASGCHYGVVTCGSCKVFFKRAVEGQHNYLCAGRNDCIID
KIRRKNCPACRLQKCLQAGMNLG
;
A,B
2 'polydeoxyribonucleotide' (DC)(DA)(DG)(DA)(DA)(DC)(DA)(DC)(DT)(DC)(DT)(DG)(DT)(DT)(DC)(DT)(DG) C
3 'polydeoxyribonucleotide' (DC)(DA)(DG)(DA)(DA)(DC)(DA)(DG)(DA)(DG)(DT)(DG)(DT)(DT)(DC)(DT)(DG) D
#
loop_
_chem_comp.id
_chem_comp.type
_chem_comp.name
_chem_comp.formula
DA DNA linking 2'-DEOXYADENOSINE-5'-MONOPHOSPHATE 'C10 H14 N5 O6 P'
DC DNA linking 2'-DEOXYCYTIDINE-5'-MONOPHOSPHATE 'C9 H14 N3 O7 P'
DG DNA linking 2'-DEOXYGUANOSINE-5'-MONOPHOSPHATE 'C10 H14 N5 O7 P'
DT DNA linking THYMIDINE-5'-MONOPHOSPHATE 'C10 H15 N2 O8 P'
ZN non-polymer 'ZINC ION' 'Zn 2'
#
# COMPACT_ATOMS: atom_id res chain seq x y z
N SER A 32 -0.27 -27.44 7.66
CA SER A 32 -1.03 -26.55 6.78
C SER A 32 -0.24 -26.16 5.54
N LYS A 33 -0.95 -25.69 4.51
CA LYS A 33 -0.29 -25.25 3.28
C LYS A 33 -0.65 -23.79 2.96
N ILE A 34 -1.21 -23.08 3.94
CA ILE A 34 -1.43 -21.63 3.77
C ILE A 34 -0.66 -20.75 4.77
N CYS A 35 -0.02 -19.73 4.21
CA CYS A 35 0.73 -18.76 4.98
C CYS A 35 -0.16 -18.12 6.06
N LEU A 36 0.26 -18.23 7.32
CA LEU A 36 -0.45 -17.60 8.43
C LEU A 36 -0.52 -16.06 8.32
N VAL A 37 0.35 -15.45 7.53
CA VAL A 37 0.35 -14.01 7.43
C VAL A 37 -0.56 -13.49 6.33
N CYS A 38 -0.47 -14.05 5.11
CA CYS A 38 -1.27 -13.50 4.03
C CYS A 38 -2.25 -14.48 3.39
N GLY A 39 -2.07 -15.77 3.64
CA GLY A 39 -3.02 -16.76 3.10
C GLY A 39 -2.68 -17.34 1.74
N ASP A 40 -1.60 -16.84 1.12
CA ASP A 40 -1.00 -17.43 -0.07
C ASP A 40 -0.55 -18.85 0.25
N GLU A 41 -0.16 -19.61 -0.78
CA GLU A 41 0.25 -20.96 -0.49
C GLU A 41 1.56 -20.95 0.26
N ALA A 42 1.58 -21.67 1.38
CA ALA A 42 2.78 -21.77 2.20
C ALA A 42 3.82 -22.67 1.56
N SER A 43 5.08 -22.28 1.70
CA SER A 43 6.20 -23.10 1.27
C SER A 43 7.00 -23.62 2.48
N GLY A 44 6.31 -23.81 3.61
CA GLY A 44 6.95 -24.31 4.82
C GLY A 44 7.09 -23.34 5.99
N CYS A 45 7.66 -23.83 7.09
CA CYS A 45 7.84 -23.05 8.31
C CYS A 45 9.09 -22.16 8.28
N HIS A 46 8.87 -20.84 8.23
CA HIS A 46 9.98 -19.89 8.14
C HIS A 46 10.02 -18.97 9.33
N TYR A 47 11.19 -18.85 9.95
CA TYR A 47 11.36 -18.03 11.14
C TYR A 47 10.28 -18.30 12.20
N GLY A 48 9.86 -19.57 12.33
CA GLY A 48 9.04 -19.99 13.45
C GLY A 48 7.57 -20.16 13.15
N VAL A 49 7.17 -19.83 11.93
CA VAL A 49 5.77 -19.77 11.57
C VAL A 49 5.60 -20.25 10.14
N VAL A 50 4.44 -20.83 9.82
CA VAL A 50 4.20 -21.30 8.45
C VAL A 50 3.83 -20.14 7.53
N THR A 51 4.73 -19.83 6.60
CA THR A 51 4.58 -18.65 5.77
C THR A 51 4.86 -18.95 4.30
N CYS A 52 4.56 -18.00 3.43
CA CYS A 52 4.91 -18.10 2.04
C CYS A 52 6.30 -17.53 1.85
N GLY A 53 6.81 -17.60 0.63
CA GLY A 53 8.17 -17.19 0.36
C GLY A 53 8.32 -15.70 0.41
N SER A 54 7.27 -14.99 0.02
CA SER A 54 7.38 -13.55 -0.01
C SER A 54 7.27 -12.97 1.40
N CYS A 55 6.53 -13.66 2.27
CA CYS A 55 6.42 -13.22 3.65
C CYS A 55 7.68 -13.57 4.38
N LYS A 56 8.27 -14.72 4.01
CA LYS A 56 9.55 -15.08 4.58
C LYS A 56 10.55 -13.97 4.35
N VAL A 57 10.74 -13.55 3.11
CA VAL A 57 11.81 -12.60 2.86
C VAL A 57 11.38 -11.17 3.21
N PHE A 58 10.07 -10.92 3.24
CA PHE A 58 9.62 -9.62 3.67
C PHE A 58 10.03 -9.42 5.12
N PHE A 59 9.81 -10.44 5.94
CA PHE A 59 10.16 -10.34 7.34
C PHE A 59 11.65 -10.20 7.63
N LYS A 60 12.46 -11.09 7.05
CA LYS A 60 13.91 -10.95 7.14
C LYS A 60 14.34 -9.53 6.76
N ARG A 61 13.80 -9.03 5.66
CA ARG A 61 14.21 -7.73 5.16
C ARG A 61 13.69 -6.60 6.03
N ALA A 62 12.57 -6.83 6.71
CA ALA A 62 11.95 -5.80 7.55
C ALA A 62 12.82 -5.59 8.77
N VAL A 63 13.22 -6.71 9.37
CA VAL A 63 14.01 -6.76 10.58
C VAL A 63 15.41 -6.14 10.42
N GLU A 64 16.12 -6.45 9.34
CA GLU A 64 17.46 -5.93 9.21
C GLU A 64 17.62 -4.77 8.21
N GLY A 65 16.55 -4.38 7.50
CA GLY A 65 16.60 -3.37 6.47
C GLY A 65 16.24 -1.94 6.87
N GLN A 66 16.11 -1.07 5.85
CA GLN A 66 15.88 0.37 6.03
C GLN A 66 14.64 0.85 5.28
N HIS A 67 13.56 0.82 6.01
CA HIS A 67 12.19 0.97 5.53
C HIS A 67 11.60 2.16 6.24
N ASN A 68 10.69 2.88 5.63
CA ASN A 68 9.91 3.79 6.45
C ASN A 68 8.42 3.55 6.21
N TYR A 69 8.00 2.35 6.59
CA TYR A 69 6.62 1.89 6.56
C TYR A 69 5.70 2.67 7.46
N LEU A 70 4.50 2.95 6.98
CA LEU A 70 3.53 3.68 7.79
C LEU A 70 2.11 3.40 7.35
N CYS A 71 1.30 2.94 8.30
CA CYS A 71 -0.08 2.62 7.99
C CYS A 71 -0.85 3.86 7.58
N ALA A 72 -1.65 3.75 6.53
CA ALA A 72 -2.43 4.89 6.04
C ALA A 72 -3.89 4.82 6.53
N GLY A 73 -4.22 3.74 7.23
CA GLY A 73 -5.57 3.53 7.75
C GLY A 73 -5.56 3.57 9.26
N ARG A 74 -5.97 2.47 9.89
CA ARG A 74 -6.10 2.43 11.34
C ARG A 74 -5.37 1.23 11.94
N ASN A 75 -4.19 0.91 11.40
CA ASN A 75 -3.33 -0.16 11.94
C ASN A 75 -3.98 -1.57 12.02
N ASP A 76 -5.02 -1.80 11.22
CA ASP A 76 -5.62 -3.13 11.10
C ASP A 76 -5.98 -3.43 9.63
N CYS A 77 -5.06 -3.13 8.72
CA CYS A 77 -5.33 -3.36 7.32
C CYS A 77 -5.48 -4.86 7.10
N ILE A 78 -6.35 -5.23 6.18
CA ILE A 78 -6.49 -6.64 5.81
C ILE A 78 -5.25 -7.07 5.03
N ILE A 79 -4.52 -8.07 5.53
CA ILE A 79 -3.35 -8.60 4.82
C ILE A 79 -3.67 -9.90 4.04
N ASP A 80 -3.80 -9.81 2.72
CA ASP A 80 -3.92 -11.00 1.89
C ASP A 80 -3.05 -10.86 0.63
N LYS A 81 -2.99 -11.90 -0.20
CA LYS A 81 -2.07 -11.92 -1.34
C LYS A 81 -2.29 -10.73 -2.24
N ILE A 82 -3.55 -10.39 -2.42
CA ILE A 82 -3.97 -9.27 -3.26
C ILE A 82 -3.58 -7.90 -2.69
N ARG A 83 -3.37 -7.83 -1.38
CA ARG A 83 -3.22 -6.54 -0.75
C ARG A 83 -2.02 -6.45 0.16
N ARG A 84 -1.21 -7.52 0.20
CA ARG A 84 -0.08 -7.55 1.10
C ARG A 84 0.97 -6.47 0.79
N LYS A 85 1.03 -5.95 -0.44
CA LYS A 85 2.00 -4.90 -0.69
C LYS A 85 1.48 -3.55 -0.22
N ASN A 86 0.18 -3.44 0.06
CA ASN A 86 -0.41 -2.15 0.41
C ASN A 86 0.02 -1.58 1.76
N CYS A 87 0.04 -2.40 2.79
CA CYS A 87 0.43 -1.87 4.08
C CYS A 87 1.43 -2.78 4.74
N PRO A 88 2.71 -2.63 4.37
CA PRO A 88 3.81 -3.40 4.94
C PRO A 88 3.92 -3.20 6.45
N ALA A 89 3.52 -2.04 6.94
CA ALA A 89 3.53 -1.82 8.37
C ALA A 89 2.56 -2.79 9.08
N CYS A 90 1.31 -2.89 8.64
CA CYS A 90 0.45 -3.93 9.22
C CYS A 90 0.93 -5.34 8.89
N ARG A 91 1.52 -5.52 7.71
CA ARG A 91 2.08 -6.82 7.37
C ARG A 91 3.12 -7.25 8.40
N LEU A 92 4.02 -6.33 8.75
CA LEU A 92 5.08 -6.65 9.70
C LEU A 92 4.48 -6.98 11.07
N GLN A 93 3.50 -6.20 11.47
CA GLN A 93 2.87 -6.43 12.79
C GLN A 93 2.17 -7.77 12.83
N LYS A 94 1.48 -8.11 11.75
CA LYS A 94 0.89 -9.43 11.65
C LYS A 94 1.95 -10.55 11.69
N CYS A 95 3.12 -10.33 11.08
CA CYS A 95 4.22 -11.29 11.17
C CYS A 95 4.65 -11.49 12.61
N LEU A 96 4.71 -10.38 13.35
CA LEU A 96 5.16 -10.40 14.74
C LEU A 96 4.19 -11.13 15.66
N GLN A 97 2.91 -10.76 15.58
CA GLN A 97 1.83 -11.43 16.31
C GLN A 97 1.74 -12.92 16.06
N ALA A 98 2.05 -13.35 14.83
CA ALA A 98 2.07 -14.77 14.50
C ALA A 98 3.28 -15.45 15.11
N GLY A 99 4.23 -14.66 15.60
CA GLY A 99 5.35 -15.23 16.33
C GLY A 99 6.65 -15.38 15.55
N MET A 100 6.72 -14.81 14.35
CA MET A 100 7.96 -14.90 13.56
C MET A 100 9.07 -14.21 14.31
N ASN A 101 10.24 -14.83 14.30
CA ASN A 101 11.41 -14.24 14.93
C ASN A 101 12.70 -14.71 14.30
N LEU A 102 13.77 -13.97 14.56
CA LEU A 102 15.10 -14.42 14.14
C LEU A 102 15.71 -15.24 15.25
N GLY A 103 15.44 -14.81 16.49
CA GLY A 103 15.95 -15.46 17.68
C GLY A 103 14.97 -16.45 18.29
N SER B 32 -1.68 27.62 -4.93
CA SER B 32 -0.87 26.77 -4.06
C SER B 32 0.17 25.99 -4.87
N LYS B 33 1.23 25.59 -4.20
CA LYS B 33 2.24 24.77 -4.82
C LYS B 33 1.96 23.34 -4.40
N ILE B 34 0.90 23.20 -3.61
CA ILE B 34 0.53 21.95 -2.99
C ILE B 34 -0.45 21.10 -3.77
N CYS B 35 -0.21 19.80 -3.78
CA CYS B 35 -1.06 18.82 -4.47
C CYS B 35 -2.35 18.58 -3.69
N LEU B 36 -3.47 18.64 -4.39
CA LEU B 36 -4.78 18.46 -3.75
C LEU B 36 -5.05 17.01 -3.41
N VAL B 37 -4.37 16.09 -4.12
CA VAL B 37 -4.46 14.68 -3.80
C VAL B 37 -3.55 14.28 -2.64
N CYS B 38 -2.29 14.71 -2.64
CA CYS B 38 -1.32 14.14 -1.69
C CYS B 38 -0.49 15.12 -0.86
N GLY B 39 -0.65 16.42 -1.09
CA GLY B 39 -0.01 17.41 -0.25
C GLY B 39 1.44 17.72 -0.62
N ASP B 40 2.00 16.93 -1.55
CA ASP B 40 3.36 17.16 -2.07
C ASP B 40 3.41 18.47 -2.85
N GLU B 41 4.60 19.04 -3.04
CA GLU B 41 4.73 20.26 -3.83
C GLU B 41 4.18 20.04 -5.25
N ALA B 42 3.28 20.93 -5.66
CA ALA B 42 2.54 20.73 -6.91
C ALA B 42 3.23 21.41 -8.10
N SER B 43 3.16 20.74 -9.26
CA SER B 43 3.80 21.21 -10.48
C SER B 43 2.79 21.81 -11.45
N GLY B 44 1.73 22.39 -10.92
CA GLY B 44 0.68 22.97 -11.75
C GLY B 44 -0.61 22.18 -11.79
N CYS B 45 -1.55 22.61 -12.64
CA CYS B 45 -2.83 21.93 -12.84
C CYS B 45 -2.75 20.79 -13.86
N HIS B 46 -3.09 19.58 -13.42
CA HIS B 46 -3.11 18.47 -14.38
C HIS B 46 -4.46 17.79 -14.36
N TYR B 47 -4.90 17.36 -15.53
CA TYR B 47 -6.26 16.86 -15.79
C TYR B 47 -7.36 17.55 -14.97
N GLY B 48 -7.26 18.87 -14.82
CA GLY B 48 -8.29 19.66 -14.17
C GLY B 48 -7.94 20.18 -12.78
N VAL B 49 -6.97 19.55 -12.15
CA VAL B 49 -6.68 19.80 -10.73
C VAL B 49 -5.20 20.10 -10.51
N VAL B 50 -4.92 20.98 -9.54
CA VAL B 50 -3.54 21.26 -9.11
C VAL B 50 -2.91 20.02 -8.48
N THR B 51 -1.95 19.40 -9.15
CA THR B 51 -1.32 18.19 -8.64
C THR B 51 0.21 18.15 -8.83
N CYS B 52 0.85 17.30 -8.03
CA CYS B 52 2.25 16.97 -8.21
C CYS B 52 2.40 16.14 -9.48
N GLY B 53 3.63 15.89 -9.89
CA GLY B 53 3.85 15.13 -11.12
C GLY B 53 3.48 13.68 -10.97
N SER B 54 3.72 13.12 -9.78
CA SER B 54 3.46 11.70 -9.56
C SER B 54 1.98 11.37 -9.62
N CYS B 55 1.15 12.25 -9.10
CA CYS B 55 -0.28 12.01 -9.11
C CYS B 55 -0.86 12.21 -10.50
N LYS B 56 -0.23 13.08 -11.27
CA LYS B 56 -0.69 13.35 -12.62
C LYS B 56 -0.59 12.06 -13.39
N VAL B 57 0.57 11.44 -13.30
CA VAL B 57 0.82 10.28 -14.13
C VAL B 57 0.22 9.03 -13.46
N PHE B 58 0.01 9.08 -12.13
CA PHE B 58 -0.69 7.99 -11.47
C PHE B 58 -2.12 7.94 -11.98
N PHE B 59 -2.75 9.11 -12.01
CA PHE B 59 -4.15 9.22 -12.42
C PHE B 59 -4.42 8.72 -13.83
N LYS B 60 -3.56 9.06 -14.78
CA LYS B 60 -3.85 8.62 -16.13
C LYS B 60 -3.63 7.10 -16.23
N ARG B 61 -2.51 6.59 -15.69
CA ARG B 61 -2.25 5.14 -15.65
C ARG B 61 -3.39 4.35 -15.02
N ALA B 62 -3.96 4.90 -13.96
CA ALA B 62 -5.11 4.29 -13.31
C ALA B 62 -6.27 4.17 -14.29
N VAL B 63 -6.82 5.31 -14.70
CA VAL B 63 -7.98 5.33 -15.59
C VAL B 63 -7.79 4.55 -16.91
N GLU B 64 -6.70 4.79 -17.60
CA GLU B 64 -6.54 4.14 -18.89
C GLU B 64 -6.33 2.66 -18.79
N GLY B 65 -5.41 2.24 -17.97
CA GLY B 65 -5.12 0.84 -17.83
C GLY B 65 -5.83 0.28 -16.64
N GLN B 66 -7.14 0.17 -16.69
CA GLN B 66 -7.82 -0.29 -15.49
C GLN B 66 -7.33 -1.68 -15.13
N HIS B 67 -7.08 -1.84 -13.84
CA HIS B 67 -6.77 -3.12 -13.23
C HIS B 67 -7.35 -3.15 -11.82
N ASN B 68 -6.81 -4.01 -10.97
CA ASN B 68 -7.53 -4.33 -9.74
C ASN B 68 -6.87 -3.75 -8.47
N TYR B 69 -7.24 -2.51 -8.20
CA TYR B 69 -6.87 -1.85 -6.96
C TYR B 69 -7.96 -2.11 -5.93
N LEU B 70 -7.58 -2.50 -4.71
CA LEU B 70 -8.55 -2.73 -3.65
C LEU B 70 -8.05 -2.24 -2.29
N CYS B 71 -8.87 -1.46 -1.60
CA CYS B 71 -8.47 -0.96 -0.28
C CYS B 71 -8.38 -2.07 0.76
N ALA B 72 -7.31 -2.03 1.58
CA ALA B 72 -7.14 -2.97 2.69
C ALA B 72 -7.74 -2.44 3.98
N GLY B 73 -8.19 -1.19 3.98
CA GLY B 73 -8.87 -0.60 5.11
C GLY B 73 -10.36 -0.41 4.82
N ARG B 74 -10.84 0.79 5.10
CA ARG B 74 -12.24 1.06 4.90
C ARG B 74 -12.44 2.17 3.86
N ASN B 75 -11.70 2.09 2.76
CA ASN B 75 -11.73 3.09 1.69
C ASN B 75 -11.62 4.57 2.11
N ASP B 76 -10.91 4.88 3.20
CA ASP B 76 -10.61 6.28 3.54
C ASP B 76 -9.14 6.45 3.99
N CYS B 77 -8.24 5.71 3.34
CA CYS B 77 -6.81 5.82 3.63
C CYS B 77 -6.26 7.25 3.39
N ILE B 78 -5.61 7.80 4.42
CA ILE B 78 -4.79 9.02 4.31
C ILE B 78 -3.84 9.01 3.12
N ILE B 79 -3.95 10.00 2.24
CA ILE B 79 -3.04 10.07 1.09
C ILE B 79 -2.07 11.25 1.17
N ASP B 80 -0.84 10.97 1.61
CA ASP B 80 0.22 12.00 1.65
C ASP B 80 1.51 11.41 1.07
N LYS B 81 2.57 12.21 0.99
CA LYS B 81 3.73 11.80 0.21
C LYS B 81 4.33 10.52 0.76
N ILE B 82 4.56 10.49 2.06
CA ILE B 82 5.05 9.27 2.71
C ILE B 82 4.19 8.02 2.43
N ARG B 83 2.92 8.18 2.11
CA ARG B 83 2.09 7.01 2.06
C ARG B 83 1.32 6.80 0.78
N ARG B 84 1.62 7.57 -0.25
CA ARG B 84 0.81 7.49 -1.47
C ARG B 84 0.97 6.19 -2.31
N LYS B 85 1.95 5.34 -1.99
CA LYS B 85 2.05 4.04 -2.67
C LYS B 85 1.18 2.99 -2.00
N ASN B 86 0.88 3.19 -0.71
CA ASN B 86 0.07 2.23 0.07
C ASN B 86 -1.25 1.83 -0.56
N CYS B 87 -2.07 2.81 -0.92
CA CYS B 87 -3.43 2.50 -1.35
C CYS B 87 -3.80 3.22 -2.64
N PRO B 88 -3.50 2.57 -3.77
CA PRO B 88 -3.86 3.18 -5.06
C PRO B 88 -5.37 3.29 -5.24
N ALA B 89 -6.14 2.43 -4.57
CA ALA B 89 -7.60 2.54 -4.63
C ALA B 89 -8.08 3.84 -4.03
N CYS B 90 -7.60 4.17 -2.83
CA CYS B 90 -7.97 5.46 -2.23
C CYS B 90 -7.33 6.61 -2.99
N ARG B 91 -6.13 6.39 -3.52
CA ARG B 91 -5.45 7.47 -4.22
C ARG B 91 -6.27 7.85 -5.46
N LEU B 92 -6.68 6.85 -6.22
CA LEU B 92 -7.59 7.09 -7.32
C LEU B 92 -8.90 7.73 -6.85
N GLN B 93 -9.41 7.25 -5.73
CA GLN B 93 -10.65 7.77 -5.21
C GLN B 93 -10.53 9.25 -4.86
N LYS B 94 -9.41 9.65 -4.27
CA LYS B 94 -9.22 11.05 -3.92
C LYS B 94 -9.06 11.91 -5.18
N CYS B 95 -8.40 11.35 -6.20
CA CYS B 95 -8.24 12.02 -7.50
C CYS B 95 -9.57 12.39 -8.13
N LEU B 96 -10.51 11.45 -8.10
CA LEU B 96 -11.78 11.63 -8.78
C LEU B 96 -12.62 12.64 -8.01
N GLN B 97 -12.66 12.48 -6.70
CA GLN B 97 -13.39 13.41 -5.83
C GLN B 97 -12.85 14.83 -6.05
N ALA B 98 -11.53 14.98 -6.07
CA ALA B 98 -10.92 16.30 -6.22
C ALA B 98 -11.23 16.89 -7.58
N GLY B 99 -11.61 16.03 -8.53
CA GLY B 99 -12.13 16.47 -9.81
C GLY B 99 -11.32 16.17 -11.06
N MET B 100 -10.34 15.28 -10.97
CA MET B 100 -9.51 15.01 -12.14
C MET B 100 -10.30 14.24 -13.19
N ASN B 101 -9.95 14.42 -14.46
CA ASN B 101 -10.55 13.69 -15.57
C ASN B 101 -9.76 13.87 -16.86
N LEU B 102 -10.02 13.02 -17.85
CA LEU B 102 -9.31 13.05 -19.13
C LEU B 102 -10.18 13.59 -20.27
N GLY B 103 -11.35 14.10 -19.93
CA GLY B 103 -12.29 14.62 -20.91
C GLY B 103 -12.60 16.10 -20.74
ZN ZN E . 2.38 -14.76 3.05
ZN ZN F . -2.24 -0.60 7.82
ZN ZN G . -7.45 2.70 1.10
ZN ZN H . 0.20 14.43 -5.35
#